data_1XEC
#
_entry.id   1XEC
#
_cell.length_a   52.701
_cell.length_b   120.952
_cell.length_c   129.712
_cell.angle_alpha   90.00
_cell.angle_beta   90.00
_cell.angle_gamma   90.00
#
_symmetry.space_group_name_H-M   'P 21 21 21'
#
loop_
_entity.id
_entity.type
_entity.pdbx_description
1 polymer Decorin
2 branched 2-acetamido-2-deoxy-beta-D-glucopyranose-(1-4)-2-acetamido-2-deoxy-beta-D-glucopyranose
3 non-polymer 2-acetamido-2-deoxy-beta-D-glucopyranose
4 water water
#
_entity_poly.entity_id   1
_entity_poly.type   'polypeptide(L)'
_entity_poly.pdbx_seq_one_letter_code
;DEASGIGPEEHFPEVPEIEPMGPVCPFRCQCHLRVVQCSDLGLEKVPKDLPPDTALLDLQNNKITEIKDGDFKNLKNLHT
LILINNKISKISPGAFAPLVKLERLYLSKNQLKELPEKMPKTLQELRVHENEITKVRKSVFNGLNQMIVVELGTNPLKSS
GIENGAFQGMKKLSYIRIADTNITTIPQGLPPSLTELHLDGNKITKVDAASLKGLNNLAKLGLSFNSISAVDNGSLANTP
HLRELHLNNNKLVKVPGGLADHKYIQVVYLHNNNISAIGSNDFCPPGYNTKKASYSGVSLFSNPVQYWEIQPSTFRCVYV
RAAVQLGNY
;
_entity_poly.pdbx_strand_id   A,B
#
# COMPACT_ATOMS: atom_id res chain seq x y z
N GLY A 22 0.00 -29.62 3.36
CA GLY A 22 -1.06 -28.57 3.43
C GLY A 22 -0.61 -27.18 2.98
N PRO A 23 -1.11 -26.12 3.62
CA PRO A 23 -0.74 -24.74 3.29
C PRO A 23 0.69 -24.38 3.67
N VAL A 24 1.35 -23.62 2.78
CA VAL A 24 2.72 -23.19 2.99
C VAL A 24 2.80 -21.66 3.05
N CYS A 25 3.72 -21.14 3.84
CA CYS A 25 3.90 -19.69 3.92
C CYS A 25 5.20 -19.40 3.18
N PRO A 26 5.16 -18.59 2.12
CA PRO A 26 6.41 -18.30 1.40
C PRO A 26 7.49 -17.78 2.37
N PHE A 27 8.73 -18.18 2.13
CA PHE A 27 9.85 -17.76 2.97
C PHE A 27 9.91 -16.24 2.98
N ARG A 28 9.97 -15.67 4.19
CA ARG A 28 10.02 -14.23 4.42
C ARG A 28 8.65 -13.59 4.55
N CYS A 29 7.60 -14.26 4.10
CA CYS A 29 6.26 -13.70 4.22
C CYS A 29 5.76 -13.95 5.64
N GLN A 30 4.69 -13.26 6.01
CA GLN A 30 4.11 -13.45 7.32
C GLN A 30 2.67 -13.87 7.11
N CYS A 31 2.33 -15.06 7.60
CA CYS A 31 0.99 -15.60 7.46
C CYS A 31 0.38 -15.68 8.85
N HIS A 32 -0.45 -14.70 9.19
CA HIS A 32 -1.05 -14.64 10.51
C HIS A 32 -2.52 -14.24 10.47
N LEU A 33 -3.37 -15.06 11.08
CA LEU A 33 -4.81 -14.80 11.15
C LEU A 33 -5.51 -14.44 9.85
N ARG A 34 -5.50 -15.36 8.89
CA ARG A 34 -6.17 -15.12 7.62
C ARG A 34 -5.54 -14.01 6.80
N VAL A 35 -4.34 -13.57 7.19
CA VAL A 35 -3.66 -12.52 6.45
C VAL A 35 -2.31 -13.02 5.96
N VAL A 36 -2.04 -12.78 4.69
CA VAL A 36 -0.77 -13.19 4.11
C VAL A 36 -0.06 -11.92 3.69
N GLN A 37 0.96 -11.56 4.48
CA GLN A 37 1.75 -10.37 4.26
C GLN A 37 3.05 -10.74 3.56
N CYS A 38 3.11 -10.45 2.26
CA CYS A 38 4.27 -10.76 1.45
C CYS A 38 4.91 -9.53 0.79
N SER A 39 4.70 -8.36 1.38
CA SER A 39 5.23 -7.12 0.84
C SER A 39 6.74 -6.96 0.95
N ASP A 40 7.27 -6.11 0.07
CA ASP A 40 8.69 -5.76 0.03
C ASP A 40 9.68 -6.91 -0.08
N LEU A 41 9.34 -7.95 -0.81
CA LEU A 41 10.23 -9.09 -0.92
C LEU A 41 10.84 -9.36 -2.29
N GLY A 42 10.58 -8.49 -3.25
CA GLY A 42 11.13 -8.70 -4.57
C GLY A 42 10.61 -9.95 -5.27
N LEU A 43 9.42 -10.43 -4.89
CA LEU A 43 8.87 -11.65 -5.50
C LEU A 43 8.66 -11.45 -7.00
N GLU A 44 8.98 -12.47 -7.79
CA GLU A 44 8.83 -12.38 -9.25
C GLU A 44 7.53 -12.96 -9.79
N LYS A 45 6.74 -13.56 -8.92
CA LYS A 45 5.46 -14.11 -9.34
C LYS A 45 4.62 -14.43 -8.12
N VAL A 46 3.31 -14.51 -8.33
CA VAL A 46 2.37 -14.82 -7.25
C VAL A 46 2.67 -16.17 -6.63
N PRO A 47 2.87 -16.21 -5.31
CA PRO A 47 3.15 -17.47 -4.63
C PRO A 47 1.91 -18.34 -4.59
N LYS A 48 2.09 -19.65 -4.59
CA LYS A 48 0.97 -20.58 -4.54
C LYS A 48 0.94 -21.39 -3.25
N ASP A 49 -0.09 -22.21 -3.11
CA ASP A 49 -0.25 -23.06 -1.92
C ASP A 49 -0.46 -22.25 -0.64
N LEU A 50 -1.13 -21.10 -0.77
CA LEU A 50 -1.40 -20.26 0.38
C LEU A 50 -2.58 -20.84 1.16
N PRO A 51 -2.66 -20.55 2.47
CA PRO A 51 -3.76 -21.06 3.30
C PRO A 51 -5.09 -20.78 2.62
N PRO A 52 -5.97 -21.79 2.55
CA PRO A 52 -7.28 -21.68 1.93
C PRO A 52 -8.20 -20.64 2.56
N ASP A 53 -8.01 -20.35 3.83
CA ASP A 53 -8.89 -19.38 4.48
C ASP A 53 -8.43 -17.93 4.38
N THR A 54 -7.33 -17.70 3.65
CA THR A 54 -6.79 -16.35 3.51
C THR A 54 -7.87 -15.37 3.08
N ALA A 55 -7.94 -14.25 3.80
CA ALA A 55 -8.94 -13.23 3.52
C ALA A 55 -8.32 -11.95 2.93
N LEU A 56 -7.05 -11.72 3.23
CA LEU A 56 -6.35 -10.54 2.72
C LEU A 56 -4.96 -11.01 2.32
N LEU A 57 -4.61 -10.75 1.06
CA LEU A 57 -3.31 -11.13 0.52
C LEU A 57 -2.65 -9.83 0.05
N ASP A 58 -1.55 -9.49 0.71
CA ASP A 58 -0.80 -8.28 0.42
C ASP A 58 0.48 -8.61 -0.33
N LEU A 59 0.53 -8.32 -1.64
CA LEU A 59 1.72 -8.59 -2.45
C LEU A 59 2.36 -7.29 -2.91
N GLN A 60 2.03 -6.23 -2.18
CA GLN A 60 2.54 -4.91 -2.45
C GLN A 60 4.06 -4.81 -2.51
N ASN A 61 4.51 -3.92 -3.37
CA ASN A 61 5.94 -3.66 -3.58
C ASN A 61 6.78 -4.91 -3.83
N ASN A 62 6.47 -5.61 -4.91
CA ASN A 62 7.24 -6.77 -5.30
C ASN A 62 7.62 -6.55 -6.76
N LYS A 63 8.03 -7.59 -7.46
CA LYS A 63 8.41 -7.44 -8.86
C LYS A 63 7.65 -8.38 -9.79
N ILE A 64 6.36 -8.57 -9.52
CA ILE A 64 5.53 -9.44 -10.32
C ILE A 64 5.25 -8.80 -11.67
N THR A 65 5.36 -9.58 -12.75
CA THR A 65 5.11 -9.04 -14.10
C THR A 65 3.78 -9.47 -14.71
N GLU A 66 3.25 -10.61 -14.30
CA GLU A 66 1.96 -11.06 -14.82
C GLU A 66 1.19 -11.95 -13.87
N ILE A 67 -0.10 -12.02 -14.07
CA ILE A 67 -0.97 -12.85 -13.26
C ILE A 67 -1.51 -13.95 -14.17
N LYS A 68 -0.91 -15.13 -14.05
CA LYS A 68 -1.29 -16.29 -14.84
C LYS A 68 -2.64 -16.86 -14.44
N ASP A 69 -3.23 -17.63 -15.34
CA ASP A 69 -4.55 -18.20 -15.16
C ASP A 69 -4.86 -18.94 -13.85
N GLY A 70 -3.86 -19.55 -13.23
CA GLY A 70 -4.13 -20.26 -11.99
C GLY A 70 -3.40 -19.72 -10.78
N ASP A 71 -3.12 -18.42 -10.76
CA ASP A 71 -2.40 -17.83 -9.64
C ASP A 71 -3.20 -17.73 -8.33
N PHE A 72 -4.52 -17.64 -8.41
CA PHE A 72 -5.34 -17.52 -7.20
C PHE A 72 -6.35 -18.64 -6.96
N LYS A 73 -5.95 -19.89 -7.16
CA LYS A 73 -6.87 -21.00 -6.94
C LYS A 73 -6.93 -21.35 -5.44
N ASN A 74 -8.12 -21.74 -4.99
CA ASN A 74 -8.34 -22.13 -3.59
C ASN A 74 -8.38 -20.93 -2.64
N LEU A 75 -8.52 -19.74 -3.18
CA LEU A 75 -8.61 -18.53 -2.35
C LEU A 75 -10.04 -18.01 -2.47
N LYS A 76 -10.98 -18.91 -2.15
CA LYS A 76 -12.42 -18.63 -2.21
C LYS A 76 -12.89 -17.64 -1.15
N ASN A 77 -12.09 -17.44 -0.11
CA ASN A 77 -12.46 -16.51 0.95
C ASN A 77 -11.72 -15.18 0.93
N LEU A 78 -10.90 -14.97 -0.09
CA LEU A 78 -10.15 -13.72 -0.21
C LEU A 78 -11.08 -12.56 -0.54
N HIS A 79 -11.12 -11.55 0.33
CA HIS A 79 -11.95 -10.38 0.07
C HIS A 79 -11.11 -9.14 -0.32
N THR A 80 -9.80 -9.19 -0.07
CA THR A 80 -8.93 -8.08 -0.41
C THR A 80 -7.63 -8.55 -1.04
N LEU A 81 -7.33 -8.02 -2.22
CA LEU A 81 -6.10 -8.39 -2.94
C LEU A 81 -5.29 -7.12 -3.22
N ILE A 82 -4.09 -7.05 -2.67
CA ILE A 82 -3.26 -5.86 -2.88
C ILE A 82 -2.07 -6.18 -3.76
N LEU A 83 -2.06 -5.62 -4.97
CA LEU A 83 -0.98 -5.85 -5.94
C LEU A 83 -0.25 -4.55 -6.28
N ILE A 84 -0.46 -3.57 -5.43
CA ILE A 84 0.13 -2.25 -5.59
C ILE A 84 1.62 -2.26 -5.73
N ASN A 85 2.10 -1.44 -6.64
CA ASN A 85 3.53 -1.28 -6.85
C ASN A 85 4.29 -2.54 -7.23
N ASN A 86 3.90 -3.13 -8.35
CA ASN A 86 4.58 -4.30 -8.89
C ASN A 86 4.96 -3.90 -10.31
N LYS A 87 5.09 -4.87 -11.22
CA LYS A 87 5.44 -4.58 -12.61
C LYS A 87 4.44 -5.30 -13.49
N ILE A 88 3.23 -5.47 -13.00
CA ILE A 88 2.23 -6.17 -13.79
C ILE A 88 1.86 -5.45 -15.08
N SER A 89 2.08 -6.12 -16.20
CA SER A 89 1.76 -5.56 -17.50
C SER A 89 0.79 -6.47 -18.25
N LYS A 90 0.53 -7.65 -17.69
CA LYS A 90 -0.35 -8.59 -18.35
C LYS A 90 -1.15 -9.42 -17.34
N ILE A 91 -2.45 -9.53 -17.58
CA ILE A 91 -3.32 -10.29 -16.69
C ILE A 91 -4.27 -11.17 -17.52
N SER A 92 -4.17 -12.47 -17.31
CA SER A 92 -5.00 -13.44 -18.02
C SER A 92 -6.47 -13.30 -17.68
N PRO A 93 -7.36 -13.55 -18.66
CA PRO A 93 -8.80 -13.44 -18.43
C PRO A 93 -9.20 -14.40 -17.32
N GLY A 94 -10.27 -14.09 -16.60
CA GLY A 94 -10.71 -14.95 -15.52
C GLY A 94 -9.59 -15.35 -14.59
N ALA A 95 -8.58 -14.50 -14.49
CA ALA A 95 -7.46 -14.78 -13.59
C ALA A 95 -7.99 -14.60 -12.17
N PHE A 96 -9.03 -13.77 -12.02
CA PHE A 96 -9.65 -13.50 -10.73
C PHE A 96 -10.96 -14.28 -10.62
N ALA A 97 -11.22 -15.13 -11.62
CA ALA A 97 -12.44 -15.93 -11.63
C ALA A 97 -12.67 -16.66 -10.32
N PRO A 98 -11.65 -17.35 -9.80
CA PRO A 98 -11.76 -18.11 -8.54
C PRO A 98 -12.07 -17.27 -7.29
N LEU A 99 -11.69 -15.99 -7.32
CA LEU A 99 -11.91 -15.09 -6.19
C LEU A 99 -13.38 -14.67 -6.09
N VAL A 100 -14.24 -15.65 -5.80
CA VAL A 100 -15.68 -15.41 -5.72
C VAL A 100 -16.16 -14.51 -4.59
N LYS A 101 -15.28 -14.10 -3.69
CA LYS A 101 -15.68 -13.22 -2.59
C LYS A 101 -14.89 -11.91 -2.58
N LEU A 102 -14.09 -11.69 -3.62
CA LEU A 102 -13.27 -10.48 -3.71
C LEU A 102 -14.09 -9.20 -3.67
N GLU A 103 -13.69 -8.26 -2.81
CA GLU A 103 -14.42 -7.00 -2.68
C GLU A 103 -13.52 -5.81 -3.02
N ARG A 104 -12.23 -5.97 -2.79
CA ARG A 104 -11.27 -4.91 -3.09
C ARG A 104 -10.13 -5.46 -3.92
N LEU A 105 -9.86 -4.79 -5.03
CA LEU A 105 -8.77 -5.18 -5.92
C LEU A 105 -7.94 -3.92 -6.16
N TYR A 106 -6.72 -3.90 -5.61
CA TYR A 106 -5.83 -2.75 -5.74
C TYR A 106 -4.69 -3.09 -6.68
N LEU A 107 -4.68 -2.44 -7.86
CA LEU A 107 -3.64 -2.68 -8.86
C LEU A 107 -2.83 -1.43 -9.19
N SER A 108 -2.94 -0.43 -8.32
CA SER A 108 -2.22 0.81 -8.50
C SER A 108 -0.73 0.61 -8.60
N LYS A 109 -0.08 1.52 -9.33
CA LYS A 109 1.37 1.49 -9.55
C LYS A 109 1.87 0.23 -10.23
N ASN A 110 1.38 -0.01 -11.44
CA ASN A 110 1.78 -1.17 -12.22
C ASN A 110 1.98 -0.72 -13.66
N GLN A 111 1.87 -1.65 -14.63
CA GLN A 111 2.05 -1.30 -16.04
C GLN A 111 0.89 -1.77 -16.91
N LEU A 112 -0.32 -1.77 -16.35
CA LEU A 112 -1.51 -2.20 -17.08
C LEU A 112 -1.84 -1.28 -18.25
N LYS A 113 -2.18 -1.87 -19.38
CA LYS A 113 -2.52 -1.13 -20.60
C LYS A 113 -4.03 -0.93 -20.68
N GLU A 114 -4.75 -1.87 -20.09
CA GLU A 114 -6.21 -1.84 -20.07
C GLU A 114 -6.65 -2.54 -18.80
N LEU A 115 -7.91 -2.38 -18.43
CA LEU A 115 -8.43 -3.03 -17.24
C LEU A 115 -8.68 -4.51 -17.55
N PRO A 116 -8.50 -5.39 -16.55
CA PRO A 116 -8.71 -6.82 -16.76
C PRO A 116 -10.17 -7.22 -16.94
N GLU A 117 -10.39 -8.26 -17.75
CA GLU A 117 -11.72 -8.79 -18.02
C GLU A 117 -12.18 -9.76 -16.94
N LYS A 118 -13.49 -9.91 -16.83
CA LYS A 118 -14.11 -10.83 -15.87
C LYS A 118 -13.58 -10.68 -14.45
N MET A 119 -13.95 -9.58 -13.81
CA MET A 119 -13.55 -9.36 -12.44
C MET A 119 -14.68 -9.91 -11.60
N PRO A 120 -14.36 -10.42 -10.40
CA PRO A 120 -15.38 -10.99 -9.50
C PRO A 120 -16.64 -10.11 -9.42
N LYS A 121 -17.80 -10.75 -9.48
CA LYS A 121 -19.06 -10.02 -9.41
C LYS A 121 -19.31 -9.38 -8.06
N THR A 122 -18.56 -9.82 -7.06
CA THR A 122 -18.70 -9.29 -5.71
C THR A 122 -17.88 -8.01 -5.48
N LEU A 123 -17.00 -7.68 -6.43
CA LEU A 123 -16.13 -6.51 -6.32
C LEU A 123 -16.84 -5.22 -5.93
N GLN A 124 -16.30 -4.55 -4.91
CA GLN A 124 -16.87 -3.30 -4.42
C GLN A 124 -16.00 -2.10 -4.75
N GLU A 125 -14.70 -2.32 -4.88
CA GLU A 125 -13.79 -1.22 -5.16
C GLU A 125 -12.64 -1.63 -6.06
N LEU A 126 -12.35 -0.82 -7.06
CA LEU A 126 -11.25 -1.08 -7.99
C LEU A 126 -10.35 0.15 -8.02
N ARG A 127 -9.05 -0.03 -7.83
CA ARG A 127 -8.11 1.07 -7.88
C ARG A 127 -7.02 0.69 -8.87
N VAL A 128 -6.86 1.50 -9.90
CA VAL A 128 -5.86 1.26 -10.92
C VAL A 128 -5.06 2.54 -11.15
N HIS A 129 -4.84 3.27 -10.06
CA HIS A 129 -4.08 4.52 -10.09
C HIS A 129 -2.67 4.27 -10.59
N GLU A 130 -2.18 5.19 -11.40
CA GLU A 130 -0.82 5.11 -11.91
C GLU A 130 -0.44 3.84 -12.66
N ASN A 131 -1.09 3.63 -13.80
CA ASN A 131 -0.79 2.49 -14.65
C ASN A 131 -0.56 3.05 -16.05
N GLU A 132 -0.82 2.26 -17.08
CA GLU A 132 -0.63 2.75 -18.44
C GLU A 132 -1.88 2.52 -19.25
N ILE A 133 -3.02 2.68 -18.58
CA ILE A 133 -4.33 2.51 -19.20
C ILE A 133 -4.55 3.56 -20.27
N THR A 134 -4.86 3.12 -21.48
CA THR A 134 -5.09 4.01 -22.61
C THR A 134 -6.53 3.91 -23.09
N LYS A 135 -7.22 2.84 -22.69
CA LYS A 135 -8.61 2.63 -23.10
C LYS A 135 -9.44 1.96 -22.01
N VAL A 136 -10.71 2.34 -21.95
CA VAL A 136 -11.67 1.81 -20.98
C VAL A 136 -12.93 1.39 -21.73
N ARG A 137 -13.17 0.09 -21.79
CA ARG A 137 -14.35 -0.44 -22.48
C ARG A 137 -15.48 -0.79 -21.53
N LYS A 138 -16.71 -0.70 -22.01
CA LYS A 138 -17.86 -1.00 -21.17
C LYS A 138 -17.92 -2.48 -20.81
N SER A 139 -17.33 -3.33 -21.65
CA SER A 139 -17.33 -4.76 -21.41
C SER A 139 -16.74 -5.17 -20.06
N VAL A 140 -15.63 -4.53 -19.66
CA VAL A 140 -14.96 -4.86 -18.40
C VAL A 140 -15.77 -4.65 -17.13
N PHE A 141 -16.76 -3.76 -17.18
CA PHE A 141 -17.56 -3.45 -16.01
C PHE A 141 -18.94 -4.08 -15.92
N ASN A 142 -19.48 -4.56 -17.03
CA ASN A 142 -20.81 -5.15 -17.01
C ASN A 142 -20.91 -6.30 -16.02
N GLY A 143 -21.99 -6.30 -15.24
CA GLY A 143 -22.18 -7.35 -14.26
C GLY A 143 -21.73 -6.97 -12.85
N LEU A 144 -20.80 -6.03 -12.75
CA LEU A 144 -20.28 -5.59 -11.46
C LEU A 144 -21.31 -4.74 -10.70
N ASN A 145 -22.35 -5.38 -10.20
CA ASN A 145 -23.42 -4.71 -9.48
C ASN A 145 -23.14 -4.34 -8.02
N GLN A 146 -21.94 -4.64 -7.54
CA GLN A 146 -21.59 -4.31 -6.16
C GLN A 146 -20.61 -3.13 -6.11
N MET A 147 -19.99 -2.84 -7.26
CA MET A 147 -19.03 -1.74 -7.35
C MET A 147 -19.58 -0.42 -6.82
N ILE A 148 -18.85 0.18 -5.89
CA ILE A 148 -19.27 1.46 -5.35
C ILE A 148 -18.18 2.51 -5.57
N VAL A 149 -16.93 2.04 -5.66
CA VAL A 149 -15.80 2.95 -5.84
C VAL A 149 -14.85 2.55 -6.95
N VAL A 150 -14.53 3.49 -7.82
CA VAL A 150 -13.55 3.26 -8.88
C VAL A 150 -12.56 4.43 -8.92
N GLU A 151 -11.26 4.13 -8.94
CA GLU A 151 -10.23 5.15 -9.01
C GLU A 151 -9.31 4.84 -10.21
N LEU A 152 -9.28 5.72 -11.20
CA LEU A 152 -8.46 5.50 -12.39
C LEU A 152 -7.42 6.59 -12.65
N GLY A 153 -7.07 7.35 -11.62
CA GLY A 153 -6.11 8.44 -11.80
C GLY A 153 -4.71 8.10 -12.29
N THR A 154 -3.98 9.14 -12.68
CA THR A 154 -2.61 9.05 -13.18
C THR A 154 -2.42 7.94 -14.23
N ASN A 155 -3.00 8.16 -15.39
CA ASN A 155 -2.90 7.22 -16.51
C ASN A 155 -2.85 8.05 -17.79
N PRO A 156 -2.24 7.50 -18.86
CA PRO A 156 -2.14 8.25 -20.13
C PRO A 156 -3.42 8.09 -20.94
N LEU A 157 -4.56 8.13 -20.25
CA LEU A 157 -5.86 7.99 -20.88
C LEU A 157 -6.40 9.29 -21.47
N LYS A 158 -7.14 9.16 -22.57
CA LYS A 158 -7.74 10.30 -23.25
C LYS A 158 -9.25 10.06 -23.34
N SER A 159 -10.01 11.14 -23.53
CA SER A 159 -11.46 11.01 -23.62
C SER A 159 -11.89 10.04 -24.73
N SER A 160 -11.17 10.01 -25.84
CA SER A 160 -11.50 9.12 -26.94
C SER A 160 -11.29 7.67 -26.49
N GLY A 161 -10.41 7.50 -25.52
CA GLY A 161 -10.13 6.17 -24.99
C GLY A 161 -11.24 5.60 -24.10
N ILE A 162 -12.19 6.43 -23.67
CA ILE A 162 -13.28 5.96 -22.83
C ILE A 162 -14.59 5.86 -23.64
N GLU A 163 -15.15 4.66 -23.75
CA GLU A 163 -16.39 4.45 -24.48
C GLU A 163 -17.53 5.18 -23.79
N ASN A 164 -18.47 5.68 -24.58
CA ASN A 164 -19.63 6.36 -23.99
C ASN A 164 -20.40 5.28 -23.24
N GLY A 165 -20.82 5.59 -22.01
CA GLY A 165 -21.57 4.64 -21.20
C GLY A 165 -20.69 3.53 -20.62
N ALA A 166 -19.39 3.73 -20.64
CA ALA A 166 -18.45 2.73 -20.12
C ALA A 166 -18.70 2.30 -18.67
N PHE A 167 -19.18 3.20 -17.83
CA PHE A 167 -19.42 2.87 -16.42
C PHE A 167 -20.90 2.62 -16.15
N GLN A 168 -21.68 2.60 -17.21
CA GLN A 168 -23.13 2.40 -17.16
C GLN A 168 -23.59 1.10 -16.48
N GLY A 169 -22.95 0.00 -16.84
CA GLY A 169 -23.35 -1.29 -16.28
C GLY A 169 -23.29 -1.48 -14.78
N MET A 170 -22.76 -0.51 -14.04
CA MET A 170 -22.66 -0.64 -12.59
C MET A 170 -23.80 0.07 -11.86
N LYS A 171 -24.81 -0.70 -11.47
CA LYS A 171 -25.99 -0.19 -10.79
C LYS A 171 -25.78 0.52 -9.45
N LYS A 172 -24.70 0.21 -8.73
CA LYS A 172 -24.47 0.85 -7.44
C LYS A 172 -23.27 1.79 -7.39
N LEU A 173 -22.62 2.07 -8.52
CA LEU A 173 -21.46 2.95 -8.51
C LEU A 173 -21.78 4.27 -7.83
N SER A 174 -21.04 4.60 -6.78
CA SER A 174 -21.30 5.83 -6.03
C SER A 174 -20.17 6.87 -6.18
N TYR A 175 -18.96 6.39 -6.40
CA TYR A 175 -17.80 7.25 -6.52
C TYR A 175 -16.94 6.88 -7.72
N ILE A 176 -16.55 7.88 -8.51
CA ILE A 176 -15.67 7.66 -9.64
C ILE A 176 -14.60 8.75 -9.64
N ARG A 177 -13.33 8.37 -9.69
CA ARG A 177 -12.30 9.39 -9.76
C ARG A 177 -11.31 9.11 -10.88
N ILE A 178 -11.24 10.03 -11.84
CA ILE A 178 -10.32 9.94 -12.96
C ILE A 178 -9.54 11.24 -12.85
N ALA A 179 -8.34 11.18 -12.29
CA ALA A 179 -7.55 12.38 -12.08
C ALA A 179 -6.15 12.28 -12.64
N ASP A 180 -5.60 13.42 -13.04
CA ASP A 180 -4.25 13.46 -13.58
C ASP A 180 -4.08 12.55 -14.80
N THR A 181 -5.02 12.63 -15.72
CA THR A 181 -4.94 11.85 -16.96
C THR A 181 -4.97 12.88 -18.08
N ASN A 182 -5.32 12.46 -19.30
CA ASN A 182 -5.38 13.41 -20.40
C ASN A 182 -6.77 13.63 -20.96
N ILE A 183 -7.81 13.24 -20.21
CA ILE A 183 -9.16 13.45 -20.73
C ILE A 183 -9.40 14.96 -20.88
N THR A 184 -10.21 15.31 -21.88
CA THR A 184 -10.49 16.71 -22.18
C THR A 184 -11.95 17.09 -21.97
N THR A 185 -12.80 16.08 -21.81
CA THR A 185 -14.22 16.32 -21.56
C THR A 185 -14.69 15.39 -20.45
N ILE A 186 -15.88 15.63 -19.93
CA ILE A 186 -16.40 14.76 -18.90
C ILE A 186 -16.97 13.56 -19.63
N PRO A 187 -16.63 12.33 -19.18
CA PRO A 187 -17.15 11.13 -19.84
C PRO A 187 -18.66 11.15 -19.96
N GLN A 188 -19.18 10.63 -21.06
CA GLN A 188 -20.62 10.59 -21.33
C GLN A 188 -21.28 9.32 -20.79
N GLY A 189 -22.59 9.40 -20.53
CA GLY A 189 -23.32 8.24 -20.04
C GLY A 189 -22.82 7.70 -18.72
N LEU A 190 -22.70 8.57 -17.72
CA LEU A 190 -22.25 8.16 -16.41
C LEU A 190 -23.41 7.56 -15.65
N PRO A 191 -23.14 6.53 -14.82
CA PRO A 191 -24.20 5.89 -14.04
C PRO A 191 -24.92 6.88 -13.14
N PRO A 192 -26.25 6.95 -13.25
CA PRO A 192 -27.08 7.86 -12.46
C PRO A 192 -27.04 7.65 -10.94
N SER A 193 -26.44 6.57 -10.49
CA SER A 193 -26.36 6.33 -9.05
C SER A 193 -25.23 7.14 -8.41
N LEU A 194 -24.35 7.67 -9.25
CA LEU A 194 -23.20 8.46 -8.78
C LEU A 194 -23.52 9.55 -7.79
N THR A 195 -22.76 9.62 -6.70
CA THR A 195 -22.96 10.69 -5.73
C THR A 195 -21.72 11.59 -5.76
N GLU A 196 -20.59 11.03 -6.17
CA GLU A 196 -19.35 11.81 -6.26
C GLU A 196 -18.64 11.56 -7.58
N LEU A 197 -18.28 12.64 -8.25
CA LEU A 197 -17.56 12.55 -9.51
C LEU A 197 -16.33 13.44 -9.38
N HIS A 198 -15.15 12.82 -9.35
CA HIS A 198 -13.90 13.55 -9.21
C HIS A 198 -13.05 13.46 -10.48
N LEU A 199 -12.88 14.60 -11.14
CA LEU A 199 -12.11 14.69 -12.37
C LEU A 199 -11.09 15.82 -12.23
N ASP A 200 -10.40 15.84 -11.09
CA ASP A 200 -9.41 16.89 -10.83
C ASP A 200 -8.09 16.58 -11.51
N GLY A 201 -7.42 17.64 -11.96
CA GLY A 201 -6.11 17.50 -12.59
C GLY A 201 -5.98 16.89 -13.98
N ASN A 202 -6.99 17.02 -14.83
CA ASN A 202 -6.93 16.46 -16.18
C ASN A 202 -6.69 17.59 -17.22
N LYS A 203 -7.33 17.48 -18.39
CA LYS A 203 -7.18 18.51 -19.41
C LYS A 203 -8.52 19.00 -19.96
N ILE A 204 -9.55 18.89 -19.12
CA ILE A 204 -10.90 19.31 -19.47
C ILE A 204 -10.92 20.80 -19.78
N THR A 205 -11.57 21.17 -20.87
CA THR A 205 -11.61 22.58 -21.27
C THR A 205 -12.99 23.20 -21.14
N LYS A 206 -14.03 22.37 -21.06
CA LYS A 206 -15.38 22.89 -20.90
C LYS A 206 -16.29 21.91 -20.20
N VAL A 207 -17.33 22.43 -19.58
CA VAL A 207 -18.31 21.59 -18.92
C VAL A 207 -19.60 21.69 -19.72
N ASP A 208 -20.00 20.59 -20.36
CA ASP A 208 -21.24 20.59 -21.13
C ASP A 208 -22.37 19.88 -20.38
N ALA A 209 -23.56 20.44 -20.50
CA ALA A 209 -24.76 19.92 -19.84
C ALA A 209 -25.10 18.47 -20.18
N ALA A 210 -24.76 18.02 -21.39
CA ALA A 210 -25.08 16.66 -21.80
C ALA A 210 -24.39 15.58 -20.96
N SER A 211 -23.12 15.80 -20.66
CA SER A 211 -22.36 14.83 -19.87
C SER A 211 -22.88 14.66 -18.44
N LEU A 212 -23.55 15.68 -17.90
CA LEU A 212 -24.07 15.61 -16.55
C LEU A 212 -25.53 15.21 -16.49
N LYS A 213 -26.13 14.97 -17.65
CA LYS A 213 -27.55 14.60 -17.75
C LYS A 213 -27.89 13.36 -16.92
N GLY A 214 -28.91 13.48 -16.08
CA GLY A 214 -29.34 12.34 -15.28
C GLY A 214 -28.69 12.11 -13.93
N LEU A 215 -27.62 12.86 -13.63
CA LEU A 215 -26.92 12.70 -12.36
C LEU A 215 -27.73 13.29 -11.21
N ASN A 216 -28.89 12.70 -10.99
CA ASN A 216 -29.84 13.11 -9.96
C ASN A 216 -29.35 12.98 -8.51
N ASN A 217 -28.36 12.12 -8.27
CA ASN A 217 -27.86 11.91 -6.91
C ASN A 217 -26.48 12.49 -6.66
N LEU A 218 -25.89 13.08 -7.69
CA LEU A 218 -24.55 13.64 -7.57
C LEU A 218 -24.55 14.73 -6.50
N ALA A 219 -23.67 14.59 -5.51
CA ALA A 219 -23.56 15.56 -4.42
C ALA A 219 -22.24 16.34 -4.49
N LYS A 220 -21.19 15.69 -4.99
CA LYS A 220 -19.89 16.32 -5.11
C LYS A 220 -19.37 16.23 -6.54
N LEU A 221 -18.90 17.36 -7.06
CA LEU A 221 -18.35 17.43 -8.41
C LEU A 221 -16.98 18.12 -8.31
N GLY A 222 -15.92 17.35 -8.54
CA GLY A 222 -14.58 17.89 -8.48
C GLY A 222 -13.97 18.06 -9.87
N LEU A 223 -13.81 19.32 -10.28
CA LEU A 223 -13.24 19.67 -11.58
C LEU A 223 -12.06 20.64 -11.44
N SER A 224 -11.40 20.62 -10.29
CA SER A 224 -10.31 21.57 -10.12
C SER A 224 -9.05 21.16 -10.87
N PHE A 225 -8.20 22.15 -11.16
CA PHE A 225 -6.95 21.92 -11.88
C PHE A 225 -7.13 21.31 -13.26
N ASN A 226 -8.00 21.91 -14.04
CA ASN A 226 -8.23 21.51 -15.42
C ASN A 226 -7.97 22.77 -16.24
N SER A 227 -8.49 22.82 -17.47
CA SER A 227 -8.31 24.01 -18.31
C SER A 227 -9.68 24.54 -18.73
N ILE A 228 -10.64 24.42 -17.81
CA ILE A 228 -12.00 24.86 -18.08
C ILE A 228 -12.10 26.38 -18.22
N SER A 229 -12.63 26.80 -19.36
CA SER A 229 -12.81 28.21 -19.65
C SER A 229 -14.29 28.53 -19.67
N ALA A 230 -15.10 27.55 -20.07
CA ALA A 230 -16.54 27.73 -20.13
C ALA A 230 -17.35 26.62 -19.47
N VAL A 231 -18.48 26.99 -18.88
CA VAL A 231 -19.39 26.05 -18.23
C VAL A 231 -20.76 26.32 -18.82
N ASP A 232 -21.19 25.43 -19.70
CA ASP A 232 -22.48 25.57 -20.39
C ASP A 232 -23.69 25.77 -19.48
N ASN A 233 -24.62 26.60 -19.96
CA ASN A 233 -25.84 26.88 -19.22
C ASN A 233 -26.59 25.56 -19.06
N GLY A 234 -27.29 25.42 -17.93
CA GLY A 234 -28.04 24.20 -17.71
C GLY A 234 -27.20 23.02 -17.22
N SER A 235 -25.89 23.22 -17.09
CA SER A 235 -25.06 22.12 -16.60
C SER A 235 -25.45 21.81 -15.18
N LEU A 236 -25.31 22.80 -14.31
CA LEU A 236 -25.64 22.62 -12.90
C LEU A 236 -27.07 22.16 -12.65
N ALA A 237 -27.99 22.54 -13.53
CA ALA A 237 -29.38 22.14 -13.36
C ALA A 237 -29.50 20.63 -13.55
N ASN A 238 -28.59 20.05 -14.32
CA ASN A 238 -28.61 18.60 -14.54
C ASN A 238 -28.18 17.81 -13.32
N THR A 239 -27.55 18.49 -12.37
CA THR A 239 -27.13 17.88 -11.11
C THR A 239 -27.88 18.70 -10.05
N PRO A 240 -29.22 18.59 -10.04
CA PRO A 240 -30.11 19.29 -9.11
C PRO A 240 -29.76 19.25 -7.63
N HIS A 241 -29.15 18.17 -7.17
CA HIS A 241 -28.82 18.05 -5.75
C HIS A 241 -27.35 18.20 -5.41
N LEU A 242 -26.60 18.82 -6.31
CA LEU A 242 -25.19 19.04 -6.10
C LEU A 242 -25.00 19.91 -4.86
N ARG A 243 -24.15 19.49 -3.94
CA ARG A 243 -23.92 20.27 -2.74
C ARG A 243 -22.54 20.94 -2.80
N GLU A 244 -21.54 20.22 -3.29
CA GLU A 244 -20.19 20.75 -3.38
C GLU A 244 -19.65 20.79 -4.81
N LEU A 245 -19.19 21.96 -5.23
CA LEU A 245 -18.66 22.15 -6.57
C LEU A 245 -17.28 22.80 -6.54
N HIS A 246 -16.25 22.05 -6.93
CA HIS A 246 -14.89 22.60 -6.95
C HIS A 246 -14.41 22.89 -8.37
N LEU A 247 -14.26 24.18 -8.67
CA LEU A 247 -13.80 24.61 -9.99
C LEU A 247 -12.57 25.51 -9.91
N ASN A 248 -11.90 25.50 -8.77
CA ASN A 248 -10.71 26.31 -8.57
C ASN A 248 -9.58 25.84 -9.47
N ASN A 249 -8.68 26.76 -9.77
CA ASN A 249 -7.52 26.49 -10.61
C ASN A 249 -7.89 26.07 -12.02
N ASN A 250 -8.69 26.88 -12.67
CA ASN A 250 -9.08 26.64 -14.03
C ASN A 250 -8.90 27.93 -14.80
N LYS A 251 -9.70 28.13 -15.85
CA LYS A 251 -9.61 29.34 -16.67
C LYS A 251 -10.98 29.99 -16.89
N LEU A 252 -11.81 30.00 -15.85
CA LEU A 252 -13.12 30.61 -15.96
C LEU A 252 -12.99 32.13 -16.04
N VAL A 253 -13.86 32.75 -16.84
CA VAL A 253 -13.86 34.20 -17.01
C VAL A 253 -15.12 34.80 -16.41
N LYS A 254 -15.95 33.93 -15.84
CA LYS A 254 -17.20 34.33 -15.20
C LYS A 254 -17.64 33.20 -14.28
N VAL A 255 -18.48 33.51 -13.30
CA VAL A 255 -18.95 32.46 -12.42
C VAL A 255 -19.92 31.63 -13.26
N PRO A 256 -19.81 30.30 -13.18
CA PRO A 256 -20.72 29.48 -13.99
C PRO A 256 -22.18 29.83 -13.71
N GLY A 257 -23.01 29.74 -14.74
CA GLY A 257 -24.41 30.08 -14.57
C GLY A 257 -25.22 29.01 -13.88
N GLY A 258 -26.42 29.41 -13.43
CA GLY A 258 -27.32 28.47 -12.78
C GLY A 258 -27.25 28.43 -11.26
N LEU A 259 -26.22 29.01 -10.67
CA LEU A 259 -26.08 28.97 -9.22
C LEU A 259 -27.24 29.61 -8.46
N ALA A 260 -27.77 30.71 -8.96
CA ALA A 260 -28.88 31.41 -8.32
C ALA A 260 -30.17 30.60 -8.28
N ASP A 261 -30.43 29.84 -9.34
CA ASP A 261 -31.65 29.03 -9.39
C ASP A 261 -31.49 27.75 -8.58
N HIS A 262 -30.30 27.15 -8.64
CA HIS A 262 -30.01 25.92 -7.93
C HIS A 262 -30.44 26.03 -6.47
N LYS A 263 -30.97 24.93 -5.93
CA LYS A 263 -31.47 24.91 -4.56
C LYS A 263 -30.64 24.14 -3.54
N TYR A 264 -29.70 23.32 -4.01
CA TYR A 264 -28.91 22.53 -3.08
C TYR A 264 -27.43 22.87 -2.95
N ILE A 265 -26.88 23.61 -3.90
CA ILE A 265 -25.46 23.96 -3.83
C ILE A 265 -25.11 24.74 -2.56
N GLN A 266 -24.03 24.33 -1.90
CA GLN A 266 -23.61 25.00 -0.67
C GLN A 266 -22.15 25.42 -0.66
N VAL A 267 -21.32 24.67 -1.39
CA VAL A 267 -19.90 24.98 -1.48
C VAL A 267 -19.51 25.16 -2.95
N VAL A 268 -18.97 26.34 -3.25
CA VAL A 268 -18.54 26.68 -4.61
C VAL A 268 -17.15 27.30 -4.56
N TYR A 269 -16.14 26.52 -4.91
CA TYR A 269 -14.76 27.01 -4.93
C TYR A 269 -14.39 27.48 -6.34
N LEU A 270 -14.09 28.77 -6.47
CA LEU A 270 -13.75 29.35 -7.76
C LEU A 270 -12.45 30.12 -7.71
N HIS A 271 -11.69 29.95 -6.65
CA HIS A 271 -10.41 30.65 -6.53
C HIS A 271 -9.44 30.21 -7.63
N ASN A 272 -8.49 31.07 -7.96
CA ASN A 272 -7.50 30.78 -8.99
C ASN A 272 -8.09 30.53 -10.37
N ASN A 273 -8.82 31.53 -10.86
CA ASN A 273 -9.43 31.52 -12.18
C ASN A 273 -9.19 32.90 -12.79
N ASN A 274 -9.88 33.21 -13.88
CA ASN A 274 -9.70 34.51 -14.52
C ASN A 274 -10.99 35.31 -14.56
N ILE A 275 -11.77 35.22 -13.49
CA ILE A 275 -13.04 35.94 -13.41
C ILE A 275 -12.77 37.41 -13.09
N SER A 276 -13.26 38.30 -13.94
CA SER A 276 -13.04 39.73 -13.75
C SER A 276 -14.27 40.52 -13.36
N ALA A 277 -15.42 39.85 -13.28
CA ALA A 277 -16.65 40.54 -12.92
C ALA A 277 -17.63 39.59 -12.24
N ILE A 278 -18.42 40.13 -11.33
CA ILE A 278 -19.40 39.33 -10.61
C ILE A 278 -20.70 40.12 -10.44
N GLY A 279 -21.73 39.69 -11.14
CA GLY A 279 -23.03 40.34 -11.07
C GLY A 279 -23.71 40.09 -9.73
N SER A 280 -24.69 40.92 -9.41
CA SER A 280 -25.40 40.78 -8.13
C SER A 280 -26.27 39.53 -8.02
N ASN A 281 -26.61 38.89 -9.14
CA ASN A 281 -27.42 37.67 -9.10
C ASN A 281 -26.62 36.42 -9.48
N ASP A 282 -25.30 36.49 -9.39
CA ASP A 282 -24.44 35.37 -9.74
C ASP A 282 -24.46 34.19 -8.77
N PHE A 283 -24.77 34.45 -7.51
CA PHE A 283 -24.85 33.39 -6.50
C PHE A 283 -26.22 33.30 -5.84
N CYS A 284 -26.86 34.45 -5.67
CA CYS A 284 -28.18 34.51 -5.03
C CYS A 284 -29.28 34.99 -5.95
N PRO A 285 -30.49 34.42 -5.80
CA PRO A 285 -31.63 34.82 -6.64
C PRO A 285 -32.10 36.22 -6.27
N PRO A 286 -32.89 36.87 -7.16
CA PRO A 286 -33.45 38.21 -7.01
C PRO A 286 -33.54 38.79 -5.60
N GLY A 287 -34.14 38.05 -4.67
CA GLY A 287 -34.26 38.55 -3.31
C GLY A 287 -33.84 37.52 -2.29
N TYR A 288 -34.81 36.80 -1.74
CA TYR A 288 -34.56 35.75 -0.76
C TYR A 288 -35.41 34.56 -1.12
N ASN A 289 -34.77 33.40 -1.25
CA ASN A 289 -35.49 32.18 -1.57
C ASN A 289 -35.33 31.22 -0.41
N THR A 290 -36.38 31.07 0.38
CA THR A 290 -36.36 30.18 1.54
C THR A 290 -36.14 28.72 1.15
N LYS A 291 -36.36 28.40 -0.11
CA LYS A 291 -36.18 27.03 -0.57
C LYS A 291 -34.71 26.75 -0.96
N LYS A 292 -33.93 27.79 -1.21
CA LYS A 292 -32.54 27.62 -1.59
C LYS A 292 -31.64 27.49 -0.36
N ALA A 293 -30.88 26.39 -0.31
CA ALA A 293 -29.98 26.15 0.81
C ALA A 293 -28.92 27.24 0.94
N SER A 294 -28.46 27.46 2.16
CA SER A 294 -27.48 28.49 2.45
C SER A 294 -26.04 28.10 2.08
N TYR A 295 -25.32 29.01 1.43
CA TYR A 295 -23.94 28.72 1.06
C TYR A 295 -23.14 28.61 2.35
N SER A 296 -22.25 27.64 2.42
CA SER A 296 -21.43 27.49 3.62
C SER A 296 -20.00 27.83 3.22
N GLY A 297 -19.76 27.96 1.93
CA GLY A 297 -18.43 28.26 1.45
C GLY A 297 -18.36 28.68 -0.01
N VAL A 298 -17.71 29.82 -0.25
CA VAL A 298 -17.53 30.37 -1.59
C VAL A 298 -16.13 30.99 -1.65
N SER A 299 -15.30 30.52 -2.58
CA SER A 299 -13.97 31.06 -2.71
C SER A 299 -13.81 31.82 -4.04
N LEU A 300 -13.23 33.00 -3.96
CA LEU A 300 -13.02 33.84 -5.14
C LEU A 300 -11.65 34.50 -5.17
N PHE A 301 -10.77 34.16 -4.24
CA PHE A 301 -9.45 34.75 -4.22
C PHE A 301 -8.61 34.31 -5.41
N SER A 302 -7.62 35.11 -5.77
CA SER A 302 -6.74 34.81 -6.91
C SER A 302 -7.50 34.81 -8.22
N ASN A 303 -8.24 35.89 -8.42
CA ASN A 303 -9.01 36.14 -9.63
C ASN A 303 -8.82 37.64 -9.84
N PRO A 304 -9.05 38.13 -11.06
CA PRO A 304 -8.89 39.58 -11.27
C PRO A 304 -9.83 40.41 -10.40
N VAL A 305 -11.08 39.97 -10.21
CA VAL A 305 -12.02 40.71 -9.39
C VAL A 305 -11.58 40.90 -7.95
N GLN A 306 -11.70 42.13 -7.48
CA GLN A 306 -11.34 42.47 -6.12
C GLN A 306 -12.64 42.67 -5.35
N TYR A 307 -12.55 42.62 -4.03
CA TYR A 307 -13.72 42.77 -3.18
C TYR A 307 -14.45 44.09 -3.46
N TRP A 308 -13.69 45.14 -3.75
CA TRP A 308 -14.28 46.45 -4.00
C TRP A 308 -15.04 46.58 -5.31
N GLU A 309 -15.06 45.53 -6.13
CA GLU A 309 -15.79 45.58 -7.39
C GLU A 309 -17.07 44.76 -7.31
N ILE A 310 -17.45 44.34 -6.11
CA ILE A 310 -18.65 43.53 -5.92
C ILE A 310 -19.69 44.16 -5.00
N GLN A 311 -20.91 44.40 -5.50
CA GLN A 311 -21.97 44.97 -4.67
C GLN A 311 -22.10 44.09 -3.43
N PRO A 312 -22.22 44.71 -2.24
CA PRO A 312 -22.36 43.97 -0.98
C PRO A 312 -23.51 42.95 -1.02
N SER A 313 -24.59 43.35 -1.69
CA SER A 313 -25.79 42.52 -1.83
C SER A 313 -25.56 41.19 -2.53
N THR A 314 -24.54 41.14 -3.39
CA THR A 314 -24.23 39.92 -4.14
C THR A 314 -24.26 38.65 -3.28
N PHE A 315 -23.94 38.79 -1.99
CA PHE A 315 -23.93 37.64 -1.09
C PHE A 315 -25.03 37.75 -0.03
N ARG A 316 -26.17 38.30 -0.40
CA ARG A 316 -27.28 38.45 0.54
C ARG A 316 -27.75 37.13 1.10
N CYS A 317 -27.61 36.06 0.32
CA CYS A 317 -28.06 34.75 0.77
C CYS A 317 -26.95 33.98 1.50
N VAL A 318 -26.01 34.73 2.03
CA VAL A 318 -24.89 34.18 2.79
C VAL A 318 -24.93 34.92 4.12
N TYR A 319 -25.25 34.21 5.19
CA TYR A 319 -25.36 34.83 6.50
C TYR A 319 -24.15 34.57 7.37
N VAL A 320 -23.36 33.56 7.01
CA VAL A 320 -22.15 33.22 7.73
C VAL A 320 -21.04 33.99 7.03
N ARG A 321 -20.72 35.17 7.55
CA ARG A 321 -19.69 36.06 6.99
C ARG A 321 -18.42 35.38 6.46
N ALA A 322 -17.80 34.54 7.29
CA ALA A 322 -16.58 33.85 6.91
C ALA A 322 -16.73 32.91 5.72
N ALA A 323 -17.96 32.71 5.27
CA ALA A 323 -18.24 31.81 4.16
C ALA A 323 -17.58 32.23 2.84
N VAL A 324 -17.47 33.54 2.62
CA VAL A 324 -16.87 34.01 1.38
C VAL A 324 -15.41 34.41 1.59
N GLN A 325 -14.55 33.95 0.70
CA GLN A 325 -13.12 34.24 0.75
C GLN A 325 -12.72 34.99 -0.52
N LEU A 326 -12.19 36.20 -0.36
CA LEU A 326 -11.79 37.00 -1.51
C LEU A 326 -10.33 37.47 -1.45
N GLY B 22 -19.76 17.70 14.07
CA GLY B 22 -19.89 16.52 13.16
C GLY B 22 -18.61 16.19 12.42
N PRO B 23 -18.24 14.91 12.32
CA PRO B 23 -17.02 14.51 11.61
C PRO B 23 -17.08 14.80 10.11
N VAL B 24 -15.94 15.19 9.54
CA VAL B 24 -15.87 15.51 8.13
C VAL B 24 -14.98 14.57 7.32
N CYS B 25 -15.50 14.13 6.17
CA CYS B 25 -14.72 13.27 5.27
C CYS B 25 -14.03 14.24 4.29
N PRO B 26 -12.70 14.14 4.17
CA PRO B 26 -11.97 15.04 3.25
C PRO B 26 -12.43 14.88 1.79
N PHE B 27 -12.44 16.00 1.07
CA PHE B 27 -12.84 15.99 -0.33
C PHE B 27 -12.01 15.00 -1.12
N ARG B 28 -12.70 14.11 -1.83
CA ARG B 28 -12.10 13.06 -2.66
C ARG B 28 -11.86 11.77 -1.92
N CYS B 29 -11.79 11.81 -0.58
CA CYS B 29 -11.57 10.58 0.16
C CYS B 29 -12.89 9.84 0.27
N GLN B 30 -12.80 8.56 0.63
CA GLN B 30 -13.99 7.73 0.80
C GLN B 30 -13.98 7.29 2.26
N CYS B 31 -15.07 7.58 2.97
CA CYS B 31 -15.19 7.22 4.38
C CYS B 31 -16.38 6.27 4.51
N HIS B 32 -16.09 4.98 4.72
CA HIS B 32 -17.14 3.98 4.79
C HIS B 32 -16.80 2.83 5.73
N LEU B 33 -17.69 2.55 6.68
CA LEU B 33 -17.52 1.48 7.66
C LEU B 33 -16.24 1.52 8.46
N ARG B 34 -15.98 2.65 9.13
CA ARG B 34 -14.79 2.81 9.96
C ARG B 34 -13.49 2.79 9.15
N VAL B 35 -13.59 2.99 7.83
CA VAL B 35 -12.43 3.02 6.96
C VAL B 35 -12.34 4.35 6.24
N VAL B 36 -11.21 5.03 6.39
CA VAL B 36 -11.01 6.30 5.72
C VAL B 36 -9.95 6.07 4.63
N GLN B 37 -10.40 6.12 3.38
CA GLN B 37 -9.53 5.90 2.23
C GLN B 37 -9.15 7.21 1.56
N CYS B 38 -7.90 7.60 1.74
CA CYS B 38 -7.41 8.85 1.17
C CYS B 38 -6.18 8.67 0.31
N SER B 39 -6.03 7.49 -0.28
CA SER B 39 -4.88 7.20 -1.14
C SER B 39 -4.93 7.95 -2.47
N ASP B 40 -3.75 8.13 -3.07
CA ASP B 40 -3.60 8.74 -4.39
C ASP B 40 -4.22 10.13 -4.61
N LEU B 41 -4.23 10.97 -3.58
CA LEU B 41 -4.86 12.28 -3.73
C LEU B 41 -3.90 13.44 -3.72
N GLY B 42 -2.62 13.15 -3.58
CA GLY B 42 -1.62 14.22 -3.55
C GLY B 42 -1.73 15.08 -2.29
N LEU B 43 -2.29 14.54 -1.21
CA LEU B 43 -2.43 15.30 0.03
C LEU B 43 -1.08 15.74 0.59
N GLU B 44 -1.03 16.98 1.04
CA GLU B 44 0.19 17.56 1.59
C GLU B 44 0.32 17.44 3.10
N LYS B 45 -0.72 16.95 3.76
CA LYS B 45 -0.70 16.77 5.20
C LYS B 45 -1.85 15.93 5.72
N VAL B 46 -1.64 15.28 6.86
CA VAL B 46 -2.65 14.44 7.46
C VAL B 46 -3.98 15.18 7.65
N PRO B 47 -5.06 14.68 7.04
CA PRO B 47 -6.35 15.36 7.19
C PRO B 47 -6.85 15.21 8.62
N LYS B 48 -7.74 16.11 9.04
CA LYS B 48 -8.25 16.05 10.41
C LYS B 48 -9.77 16.03 10.47
N ASP B 49 -10.30 16.01 11.68
CA ASP B 49 -11.74 16.00 11.89
C ASP B 49 -12.34 14.73 11.27
N LEU B 50 -11.64 13.61 11.40
CA LEU B 50 -12.10 12.35 10.86
C LEU B 50 -13.00 11.62 11.84
N PRO B 51 -13.81 10.67 11.36
CA PRO B 51 -14.71 9.93 12.25
C PRO B 51 -13.94 9.31 13.42
N PRO B 52 -14.32 9.67 14.66
CA PRO B 52 -13.68 9.15 15.88
C PRO B 52 -13.60 7.64 15.94
N ASP B 53 -14.47 6.95 15.21
CA ASP B 53 -14.46 5.50 15.22
C ASP B 53 -13.71 4.89 14.05
N THR B 54 -12.81 5.64 13.42
CA THR B 54 -12.07 5.10 12.30
C THR B 54 -11.12 4.00 12.76
N ALA B 55 -11.27 2.82 12.17
CA ALA B 55 -10.44 1.68 12.51
C ALA B 55 -9.20 1.61 11.63
N LEU B 56 -9.32 2.07 10.38
CA LEU B 56 -8.19 2.04 9.45
C LEU B 56 -8.10 3.33 8.67
N LEU B 57 -6.91 3.91 8.63
CA LEU B 57 -6.70 5.14 7.90
C LEU B 57 -5.65 4.86 6.83
N ASP B 58 -6.06 5.00 5.58
CA ASP B 58 -5.18 4.76 4.43
C ASP B 58 -4.81 6.09 3.77
N LEU B 59 -3.58 6.52 3.97
CA LEU B 59 -3.10 7.76 3.37
C LEU B 59 -1.94 7.46 2.43
N GLN B 60 -2.02 6.29 1.81
CA GLN B 60 -0.99 5.82 0.89
C GLN B 60 -0.86 6.66 -0.37
N ASN B 61 0.38 6.82 -0.83
CA ASN B 61 0.69 7.57 -2.06
C ASN B 61 0.20 9.01 -2.10
N ASN B 62 0.62 9.79 -1.10
CA ASN B 62 0.28 11.20 -1.04
C ASN B 62 1.60 11.97 -0.92
N LYS B 63 1.53 13.27 -0.66
CA LYS B 63 2.75 14.06 -0.55
C LYS B 63 2.95 14.66 0.85
N ILE B 64 2.70 13.83 1.87
CA ILE B 64 2.82 14.26 3.24
C ILE B 64 4.30 14.37 3.62
N THR B 65 4.72 15.56 4.03
CA THR B 65 6.11 15.83 4.40
C THR B 65 6.41 15.62 5.87
N GLU B 66 5.40 15.67 6.73
CA GLU B 66 5.64 15.48 8.16
C GLU B 66 4.40 15.14 8.96
N ILE B 67 4.60 14.60 10.15
CA ILE B 67 3.50 14.25 11.05
C ILE B 67 3.57 15.12 12.31
N LYS B 68 2.70 16.11 12.41
CA LYS B 68 2.66 17.03 13.54
C LYS B 68 1.92 16.48 14.77
N ASP B 69 2.30 16.98 15.95
CA ASP B 69 1.74 16.53 17.22
C ASP B 69 0.22 16.35 17.37
N GLY B 70 -0.57 17.07 16.58
CA GLY B 70 -2.01 16.92 16.70
C GLY B 70 -2.67 16.09 15.62
N ASP B 71 -1.93 15.82 14.55
CA ASP B 71 -2.42 15.07 13.40
C ASP B 71 -3.34 13.88 13.64
N PHE B 72 -3.14 13.11 14.71
CA PHE B 72 -4.00 11.95 14.94
C PHE B 72 -4.81 11.94 16.23
N LYS B 73 -5.50 13.03 16.54
CA LYS B 73 -6.31 13.08 17.73
C LYS B 73 -7.71 12.53 17.47
N ASN B 74 -8.31 11.92 18.48
CA ASN B 74 -9.65 11.36 18.39
C ASN B 74 -9.71 10.06 17.59
N LEU B 75 -8.54 9.48 17.33
CA LEU B 75 -8.48 8.22 16.58
C LEU B 75 -8.10 7.10 17.54
N LYS B 76 -8.74 7.11 18.70
CA LYS B 76 -8.51 6.15 19.77
C LYS B 76 -8.85 4.71 19.40
N ASN B 77 -9.60 4.52 18.32
CA ASN B 77 -9.98 3.18 17.90
C ASN B 77 -9.25 2.71 16.64
N LEU B 78 -8.35 3.55 16.13
CA LEU B 78 -7.59 3.24 14.93
C LEU B 78 -6.57 2.13 15.20
N HIS B 79 -6.70 1.00 14.52
CA HIS B 79 -5.75 -0.09 14.71
C HIS B 79 -4.75 -0.22 13.57
N THR B 80 -5.00 0.46 12.45
CA THR B 80 -4.11 0.41 11.30
C THR B 80 -3.88 1.79 10.71
N LEU B 81 -2.61 2.15 10.51
CA LEU B 81 -2.27 3.45 9.92
C LEU B 81 -1.31 3.22 8.76
N ILE B 82 -1.71 3.61 7.55
CA ILE B 82 -0.87 3.41 6.38
C ILE B 82 -0.40 4.74 5.80
N LEU B 83 0.90 4.99 5.89
CA LEU B 83 1.47 6.24 5.39
C LEU B 83 2.47 5.95 4.30
N ILE B 84 2.39 4.72 3.80
CA ILE B 84 3.25 4.24 2.72
C ILE B 84 3.26 5.16 1.51
N ASN B 85 4.45 5.34 0.95
CA ASN B 85 4.62 6.13 -0.26
C ASN B 85 4.23 7.60 -0.17
N ASN B 86 4.83 8.30 0.80
CA ASN B 86 4.63 9.73 0.99
C ASN B 86 6.06 10.31 0.99
N LYS B 87 6.25 11.53 1.50
CA LYS B 87 7.58 12.13 1.53
C LYS B 87 7.96 12.48 2.97
N ILE B 88 7.40 11.74 3.91
CA ILE B 88 7.66 11.99 5.33
C ILE B 88 9.14 11.91 5.66
N SER B 89 9.66 12.96 6.28
CA SER B 89 11.06 13.03 6.64
C SER B 89 11.23 13.58 8.05
N LYS B 90 10.12 13.68 8.78
CA LYS B 90 10.16 14.21 10.13
C LYS B 90 8.90 13.86 10.91
N ILE B 91 9.06 13.38 12.13
CA ILE B 91 7.92 13.02 12.97
C ILE B 91 8.10 13.46 14.41
N SER B 92 7.07 14.11 14.95
CA SER B 92 7.09 14.62 16.31
C SER B 92 6.93 13.50 17.34
N PRO B 93 7.66 13.59 18.47
CA PRO B 93 7.57 12.57 19.50
C PRO B 93 6.13 12.37 19.97
N GLY B 94 5.79 11.13 20.30
CA GLY B 94 4.44 10.84 20.77
C GLY B 94 3.35 11.25 19.79
N ALA B 95 3.72 11.65 18.58
CA ALA B 95 2.74 12.05 17.57
C ALA B 95 1.69 10.96 17.43
N PHE B 96 2.14 9.71 17.57
CA PHE B 96 1.27 8.55 17.45
C PHE B 96 0.64 8.21 18.80
N ALA B 97 1.20 8.75 19.87
CA ALA B 97 0.74 8.50 21.24
C ALA B 97 -0.78 8.35 21.38
N PRO B 98 -1.56 9.31 20.84
CA PRO B 98 -3.02 9.26 20.95
C PRO B 98 -3.62 7.97 20.36
N LEU B 99 -2.83 7.26 19.56
CA LEU B 99 -3.28 6.03 18.93
C LEU B 99 -3.06 4.88 19.90
N VAL B 100 -3.82 4.88 21.00
CA VAL B 100 -3.69 3.88 22.03
C VAL B 100 -4.12 2.48 21.64
N LYS B 101 -4.74 2.32 20.47
CA LYS B 101 -5.17 1.00 20.04
C LYS B 101 -4.45 0.56 18.77
N LEU B 102 -3.55 1.40 18.27
CA LEU B 102 -2.81 1.12 17.04
C LEU B 102 -2.04 -0.20 17.10
N GLU B 103 -2.30 -1.06 16.11
CA GLU B 103 -1.64 -2.35 16.02
C GLU B 103 -0.65 -2.39 14.84
N ARG B 104 -0.96 -1.68 13.77
CA ARG B 104 -0.09 -1.67 12.59
C ARG B 104 0.26 -0.27 12.13
N LEU B 105 1.54 -0.06 11.87
CA LEU B 105 2.03 1.24 11.42
C LEU B 105 2.97 1.04 10.23
N TYR B 106 2.48 1.32 9.03
CA TYR B 106 3.27 1.14 7.82
C TYR B 106 3.83 2.47 7.36
N LEU B 107 5.14 2.64 7.49
CA LEU B 107 5.82 3.88 7.10
C LEU B 107 6.74 3.72 5.90
N SER B 108 6.60 2.59 5.20
CA SER B 108 7.43 2.29 4.05
C SER B 108 7.37 3.29 2.90
N LYS B 109 8.51 3.44 2.22
CA LYS B 109 8.68 4.36 1.09
C LYS B 109 8.50 5.82 1.49
N ASN B 110 9.36 6.25 2.40
CA ASN B 110 9.35 7.62 2.87
C ASN B 110 10.79 8.10 3.02
N GLN B 111 11.00 9.19 3.75
CA GLN B 111 12.35 9.72 3.90
C GLN B 111 12.83 9.84 5.34
N LEU B 112 12.49 8.85 6.17
CA LEU B 112 12.90 8.90 7.57
C LEU B 112 14.40 8.66 7.69
N LYS B 113 15.03 9.36 8.62
CA LYS B 113 16.46 9.22 8.87
C LYS B 113 16.65 8.36 10.10
N GLU B 114 15.58 8.28 10.90
CA GLU B 114 15.56 7.52 12.14
C GLU B 114 14.16 7.00 12.42
N LEU B 115 14.06 6.07 13.35
CA LEU B 115 12.76 5.52 13.73
C LEU B 115 12.09 6.53 14.66
N PRO B 116 10.75 6.50 14.73
CA PRO B 116 10.02 7.43 15.59
C PRO B 116 10.01 7.00 17.06
N GLU B 117 9.92 7.98 17.95
CA GLU B 117 9.91 7.72 19.39
C GLU B 117 8.46 7.65 19.89
N LYS B 118 8.29 7.15 21.10
CA LYS B 118 6.97 7.04 21.71
C LYS B 118 5.87 6.42 20.84
N MET B 119 6.11 5.22 20.32
CA MET B 119 5.12 4.55 19.50
C MET B 119 4.13 3.81 20.39
N PRO B 120 2.86 3.74 19.94
CA PRO B 120 1.80 3.05 20.70
C PRO B 120 2.25 1.69 21.24
N LYS B 121 2.22 1.56 22.55
CA LYS B 121 2.64 0.32 23.20
C LYS B 121 1.84 -0.90 22.77
N THR B 122 0.78 -0.68 22.01
CA THR B 122 -0.05 -1.79 21.52
C THR B 122 0.42 -2.29 20.15
N LEU B 123 1.33 -1.54 19.55
CA LEU B 123 1.86 -1.85 18.22
C LEU B 123 2.36 -3.29 18.04
N GLN B 124 1.79 -4.00 17.07
CA GLN B 124 2.19 -5.37 16.79
C GLN B 124 3.08 -5.45 15.55
N GLU B 125 3.01 -4.45 14.67
CA GLU B 125 3.81 -4.51 13.44
C GLU B 125 4.30 -3.16 12.93
N LEU B 126 5.60 -3.08 12.72
CA LEU B 126 6.21 -1.86 12.22
C LEU B 126 6.90 -2.15 10.87
N ARG B 127 6.54 -1.40 9.84
CA ARG B 127 7.16 -1.58 8.53
C ARG B 127 7.74 -0.23 8.12
N VAL B 128 9.04 -0.21 7.88
CA VAL B 128 9.71 1.03 7.50
C VAL B 128 10.66 0.69 6.36
N HIS B 129 10.17 -0.11 5.44
CA HIS B 129 10.95 -0.52 4.29
C HIS B 129 11.20 0.70 3.42
N GLU B 130 12.32 0.70 2.73
CA GLU B 130 12.68 1.76 1.80
C GLU B 130 12.58 3.19 2.32
N ASN B 131 13.41 3.52 3.29
CA ASN B 131 13.46 4.87 3.85
C ASN B 131 14.92 5.34 3.79
N GLU B 132 15.32 6.17 4.74
CA GLU B 132 16.69 6.67 4.75
C GLU B 132 17.33 6.50 6.14
N ILE B 133 16.85 5.50 6.87
CA ILE B 133 17.35 5.21 8.20
C ILE B 133 18.86 4.92 8.17
N THR B 134 19.58 5.55 9.09
CA THR B 134 21.03 5.35 9.19
C THR B 134 21.38 4.95 10.63
N LYS B 135 20.41 5.12 11.53
CA LYS B 135 20.61 4.79 12.94
C LYS B 135 19.37 4.18 13.59
N VAL B 136 19.59 3.17 14.43
CA VAL B 136 18.51 2.50 15.14
C VAL B 136 18.82 2.50 16.64
N ARG B 137 18.04 3.27 17.40
CA ARG B 137 18.25 3.38 18.84
C ARG B 137 17.38 2.39 19.62
N LYS B 138 17.96 1.81 20.67
CA LYS B 138 17.22 0.86 21.50
C LYS B 138 16.06 1.56 22.20
N SER B 139 16.22 2.86 22.41
CA SER B 139 15.21 3.65 23.07
C SER B 139 13.85 3.61 22.37
N VAL B 140 13.85 3.39 21.06
CA VAL B 140 12.59 3.36 20.31
C VAL B 140 11.75 2.12 20.56
N PHE B 141 12.38 1.00 20.88
CA PHE B 141 11.65 -0.23 21.10
C PHE B 141 11.35 -0.58 22.56
N ASN B 142 11.90 0.20 23.49
CA ASN B 142 11.67 -0.05 24.91
C ASN B 142 10.18 -0.01 25.22
N GLY B 143 9.64 -1.11 25.72
CA GLY B 143 8.24 -1.14 26.07
C GLY B 143 7.30 -1.76 25.04
N LEU B 144 7.73 -1.83 23.79
CA LEU B 144 6.89 -2.40 22.74
C LEU B 144 6.80 -3.91 22.94
N ASN B 145 6.04 -4.32 23.95
CA ASN B 145 5.88 -5.74 24.29
C ASN B 145 4.79 -6.48 23.55
N GLN B 146 4.17 -5.84 22.57
CA GLN B 146 3.14 -6.49 21.79
C GLN B 146 3.65 -6.71 20.38
N MET B 147 4.75 -6.03 20.07
CA MET B 147 5.40 -6.09 18.77
C MET B 147 5.82 -7.49 18.33
N ILE B 148 5.26 -7.97 17.22
CA ILE B 148 5.62 -9.29 16.74
C ILE B 148 6.36 -9.30 15.39
N VAL B 149 6.23 -8.23 14.62
CA VAL B 149 6.87 -8.16 13.30
C VAL B 149 7.51 -6.81 13.01
N VAL B 150 8.78 -6.80 12.63
CA VAL B 150 9.48 -5.58 12.29
C VAL B 150 10.19 -5.71 10.93
N GLU B 151 9.93 -4.78 10.04
CA GLU B 151 10.55 -4.80 8.71
C GLU B 151 11.30 -3.48 8.49
N LEU B 152 12.62 -3.58 8.34
CA LEU B 152 13.47 -2.39 8.14
C LEU B 152 14.36 -2.47 6.91
N GLY B 153 13.91 -3.21 5.89
CA GLY B 153 14.72 -3.35 4.69
C GLY B 153 14.87 -2.11 3.82
N THR B 154 15.84 -2.17 2.92
CA THR B 154 16.14 -1.09 1.98
C THR B 154 16.34 0.27 2.65
N ASN B 155 17.42 0.37 3.42
CA ASN B 155 17.79 1.61 4.10
C ASN B 155 19.32 1.67 4.03
N PRO B 156 19.91 2.88 4.05
CA PRO B 156 21.37 2.99 3.98
C PRO B 156 22.08 2.45 5.23
N LEU B 157 21.28 2.07 6.23
CA LEU B 157 21.73 1.52 7.50
C LEU B 157 23.01 0.67 7.49
N LYS B 158 23.89 0.95 8.44
CA LYS B 158 25.15 0.21 8.60
C LYS B 158 25.14 -0.42 9.98
N SER B 159 25.91 -1.49 10.15
CA SER B 159 25.98 -2.20 11.42
C SER B 159 26.32 -1.29 12.60
N SER B 160 27.11 -0.25 12.35
CA SER B 160 27.49 0.69 13.40
C SER B 160 26.32 1.57 13.79
N GLY B 161 25.30 1.61 12.93
CA GLY B 161 24.14 2.43 13.21
C GLY B 161 23.11 1.70 14.07
N ILE B 162 23.34 0.43 14.35
CA ILE B 162 22.40 -0.35 15.15
C ILE B 162 22.95 -0.63 16.54
N GLU B 163 22.33 -0.02 17.55
CA GLU B 163 22.75 -0.20 18.93
C GLU B 163 22.63 -1.66 19.34
N ASN B 164 23.47 -2.07 20.29
CA ASN B 164 23.43 -3.45 20.78
C ASN B 164 22.15 -3.63 21.57
N GLY B 165 21.49 -4.78 21.36
CA GLY B 165 20.25 -5.05 22.06
C GLY B 165 19.20 -4.00 21.74
N ALA B 166 19.26 -3.46 20.53
CA ALA B 166 18.29 -2.46 20.09
C ALA B 166 16.88 -3.04 20.10
N PHE B 167 16.76 -4.28 19.63
CA PHE B 167 15.47 -4.96 19.58
C PHE B 167 15.26 -5.83 20.81
N GLN B 168 16.17 -5.70 21.76
CA GLN B 168 16.15 -6.46 23.01
C GLN B 168 14.83 -6.23 23.78
N GLY B 169 14.34 -4.99 23.74
CA GLY B 169 13.13 -4.63 24.45
C GLY B 169 11.81 -5.23 24.01
N MET B 170 11.79 -5.87 22.83
CA MET B 170 10.55 -6.47 22.34
C MET B 170 10.44 -7.92 22.82
N LYS B 171 9.93 -8.06 24.03
CA LYS B 171 9.77 -9.37 24.67
C LYS B 171 8.97 -10.39 23.90
N LYS B 172 8.23 -9.95 22.90
CA LYS B 172 7.42 -10.89 22.13
C LYS B 172 7.77 -10.94 20.65
N LEU B 173 8.77 -10.17 20.22
CA LEU B 173 9.16 -10.12 18.81
C LEU B 173 9.43 -11.51 18.24
N SER B 174 8.72 -11.87 17.19
CA SER B 174 8.88 -13.18 16.57
C SER B 174 9.58 -13.11 15.21
N TYR B 175 9.41 -11.99 14.52
CA TYR B 175 9.96 -11.82 13.19
C TYR B 175 10.67 -10.49 13.04
N ILE B 176 11.82 -10.52 12.37
CA ILE B 176 12.56 -9.30 12.09
C ILE B 176 13.28 -9.51 10.77
N ARG B 177 13.16 -8.53 9.88
CA ARG B 177 13.81 -8.59 8.59
C ARG B 177 14.51 -7.28 8.31
N ILE B 178 15.80 -7.37 8.02
CA ILE B 178 16.61 -6.21 7.67
C ILE B 178 17.26 -6.69 6.39
N ALA B 179 16.74 -6.27 5.25
CA ALA B 179 17.28 -6.70 3.96
C ALA B 179 17.67 -5.53 3.07
N ASP B 180 18.60 -5.78 2.17
CA ASP B 180 19.06 -4.75 1.24
C ASP B 180 19.52 -3.48 1.97
N THR B 181 20.42 -3.64 2.93
CA THR B 181 20.97 -2.50 3.66
C THR B 181 22.48 -2.65 3.60
N ASN B 182 23.21 -1.79 4.30
CA ASN B 182 24.67 -1.89 4.29
C ASN B 182 25.26 -2.59 5.50
N ILE B 183 24.42 -3.29 6.26
CA ILE B 183 24.92 -3.99 7.42
C ILE B 183 25.85 -5.09 6.95
N THR B 184 26.90 -5.34 7.71
CA THR B 184 27.90 -6.34 7.34
C THR B 184 28.00 -7.46 8.35
N THR B 185 27.30 -7.30 9.47
CA THR B 185 27.29 -8.30 10.52
C THR B 185 25.88 -8.49 11.05
N ILE B 186 25.62 -9.65 11.64
CA ILE B 186 24.30 -9.92 12.21
C ILE B 186 24.20 -9.13 13.51
N PRO B 187 23.14 -8.33 13.66
CA PRO B 187 22.97 -7.54 14.89
C PRO B 187 23.19 -8.36 16.17
N GLN B 188 23.61 -7.70 17.24
CA GLN B 188 23.87 -8.36 18.51
C GLN B 188 22.76 -8.13 19.54
N GLY B 189 22.55 -9.11 20.40
CA GLY B 189 21.54 -8.99 21.42
C GLY B 189 20.12 -9.04 20.88
N LEU B 190 19.85 -10.01 20.02
CA LEU B 190 18.52 -10.17 19.45
C LEU B 190 17.62 -10.85 20.47
N PRO B 191 16.34 -10.42 20.54
CA PRO B 191 15.42 -11.04 21.50
C PRO B 191 15.33 -12.54 21.25
N PRO B 192 15.45 -13.35 22.31
CA PRO B 192 15.39 -14.81 22.28
C PRO B 192 14.03 -15.36 21.88
N SER B 193 13.02 -14.51 21.77
CA SER B 193 11.71 -14.98 21.36
C SER B 193 11.61 -15.12 19.83
N LEU B 194 12.60 -14.56 19.12
CA LEU B 194 12.63 -14.61 17.66
C LEU B 194 12.47 -16.00 17.04
N THR B 195 11.54 -16.12 16.11
CA THR B 195 11.37 -17.41 15.43
C THR B 195 11.95 -17.26 14.01
N GLU B 196 11.93 -16.04 13.49
CA GLU B 196 12.45 -15.80 12.15
C GLU B 196 13.38 -14.59 12.07
N LEU B 197 14.56 -14.81 11.50
CA LEU B 197 15.56 -13.77 11.33
C LEU B 197 15.92 -13.70 9.85
N HIS B 198 15.55 -12.61 9.19
CA HIS B 198 15.85 -12.47 7.78
C HIS B 198 16.82 -11.35 7.50
N LEU B 199 18.01 -11.71 7.02
CA LEU B 199 19.03 -10.72 6.72
C LEU B 199 19.50 -10.90 5.28
N ASP B 200 18.56 -11.14 4.38
CA ASP B 200 18.86 -11.35 2.97
C ASP B 200 19.22 -10.07 2.22
N GLY B 201 20.19 -10.18 1.31
CA GLY B 201 20.60 -9.05 0.49
C GLY B 201 21.39 -7.91 1.11
N ASN B 202 22.16 -8.17 2.15
CA ASN B 202 22.97 -7.12 2.76
C ASN B 202 24.44 -7.33 2.37
N LYS B 203 25.36 -7.00 3.27
CA LYS B 203 26.78 -7.17 2.97
C LYS B 203 27.51 -7.87 4.11
N ILE B 204 26.82 -8.83 4.71
CA ILE B 204 27.35 -9.61 5.81
C ILE B 204 28.45 -10.53 5.26
N THR B 205 29.57 -10.59 5.96
CA THR B 205 30.70 -11.40 5.52
C THR B 205 30.94 -12.67 6.31
N LYS B 206 30.49 -12.70 7.56
CA LYS B 206 30.68 -13.89 8.38
C LYS B 206 29.54 -14.09 9.39
N VAL B 207 29.31 -15.35 9.76
CA VAL B 207 28.29 -15.71 10.73
C VAL B 207 29.00 -16.14 12.01
N ASP B 208 28.98 -15.28 13.02
CA ASP B 208 29.62 -15.60 14.30
C ASP B 208 28.62 -16.20 15.27
N ALA B 209 29.09 -17.12 16.10
CA ALA B 209 28.24 -17.80 17.07
C ALA B 209 27.66 -16.87 18.13
N ALA B 210 28.44 -15.90 18.57
CA ALA B 210 28.00 -14.94 19.59
C ALA B 210 26.68 -14.27 19.24
N SER B 211 26.53 -13.87 17.99
CA SER B 211 25.30 -13.21 17.55
C SER B 211 24.08 -14.11 17.66
N LEU B 212 24.23 -15.37 17.29
CA LEU B 212 23.11 -16.31 17.35
C LEU B 212 22.90 -16.89 18.74
N LYS B 213 23.80 -16.55 19.66
CA LYS B 213 23.71 -17.06 21.02
C LYS B 213 22.37 -16.66 21.66
N GLY B 214 21.72 -17.63 22.30
CA GLY B 214 20.46 -17.36 22.97
C GLY B 214 19.21 -17.61 22.14
N LEU B 215 19.34 -17.60 20.82
CA LEU B 215 18.22 -17.80 19.91
C LEU B 215 17.70 -19.24 19.84
N ASN B 216 17.16 -19.72 20.96
CA ASN B 216 16.64 -21.09 21.07
C ASN B 216 15.31 -21.33 20.37
N ASN B 217 14.59 -20.24 20.06
CA ASN B 217 13.31 -20.37 19.40
C ASN B 217 13.37 -20.17 17.89
N LEU B 218 14.52 -19.77 17.37
CA LEU B 218 14.70 -19.54 15.94
C LEU B 218 14.45 -20.78 15.09
N ALA B 219 13.55 -20.66 14.12
CA ALA B 219 13.21 -21.76 13.23
C ALA B 219 13.67 -21.46 11.81
N LYS B 220 13.79 -20.18 11.47
CA LYS B 220 14.21 -19.79 10.13
C LYS B 220 15.28 -18.71 10.15
N LEU B 221 16.37 -18.94 9.42
CA LEU B 221 17.47 -18.00 9.33
C LEU B 221 17.73 -17.70 7.85
N GLY B 222 17.46 -16.46 7.44
CA GLY B 222 17.66 -16.08 6.05
C GLY B 222 18.88 -15.21 5.89
N LEU B 223 19.90 -15.74 5.21
CA LEU B 223 21.17 -15.03 5.00
C LEU B 223 21.56 -14.99 3.53
N SER B 224 20.66 -15.40 2.64
CA SER B 224 20.99 -15.42 1.22
C SER B 224 21.36 -14.04 0.63
N PHE B 225 22.11 -14.06 -0.47
CA PHE B 225 22.54 -12.83 -1.14
C PHE B 225 23.30 -11.85 -0.27
N ASN B 226 24.38 -12.33 0.35
CA ASN B 226 25.23 -11.50 1.18
C ASN B 226 26.65 -11.77 0.69
N SER B 227 27.64 -11.54 1.56
CA SER B 227 29.02 -11.79 1.23
C SER B 227 29.61 -12.73 2.27
N ILE B 228 28.85 -13.78 2.60
CA ILE B 228 29.31 -14.73 3.60
C ILE B 228 30.27 -15.75 3.00
N SER B 229 31.44 -15.86 3.61
CA SER B 229 32.46 -16.79 3.16
C SER B 229 32.75 -17.81 4.26
N ALA B 230 32.49 -17.42 5.51
CA ALA B 230 32.75 -18.31 6.63
C ALA B 230 31.61 -18.41 7.66
N VAL B 231 31.42 -19.62 8.18
CA VAL B 231 30.41 -19.86 9.20
C VAL B 231 31.11 -20.46 10.41
N ASP B 232 31.23 -19.68 11.48
CA ASP B 232 31.91 -20.15 12.68
C ASP B 232 31.31 -21.41 13.27
N ASN B 233 32.16 -22.29 13.79
CA ASN B 233 31.71 -23.53 14.40
C ASN B 233 30.92 -23.17 15.64
N GLY B 234 29.81 -23.88 15.86
CA GLY B 234 28.99 -23.61 17.02
C GLY B 234 27.90 -22.61 16.71
N SER B 235 27.92 -22.07 15.49
CA SER B 235 26.91 -21.10 15.09
C SER B 235 25.55 -21.77 15.11
N LEU B 236 25.39 -22.80 14.29
CA LEU B 236 24.13 -23.53 14.20
C LEU B 236 23.75 -24.18 15.54
N ALA B 237 24.75 -24.51 16.35
CA ALA B 237 24.50 -25.13 17.64
C ALA B 237 23.81 -24.13 18.56
N ASN B 238 23.91 -22.85 18.23
CA ASN B 238 23.28 -21.80 19.02
C ASN B 238 21.81 -21.61 18.62
N THR B 239 21.43 -22.21 17.49
CA THR B 239 20.05 -22.17 17.01
C THR B 239 19.69 -23.64 16.91
N PRO B 240 19.66 -24.33 18.07
CA PRO B 240 19.34 -25.75 18.16
C PRO B 240 18.07 -26.22 17.45
N HIS B 241 17.06 -25.37 17.38
CA HIS B 241 15.82 -25.75 16.74
C HIS B 241 15.61 -25.19 15.33
N LEU B 242 16.68 -24.68 14.72
CA LEU B 242 16.59 -24.13 13.38
C LEU B 242 16.06 -25.19 12.42
N ARG B 243 15.09 -24.82 11.59
CA ARG B 243 14.55 -25.77 10.62
C ARG B 243 14.93 -25.41 9.19
N GLU B 244 14.94 -24.12 8.89
CA GLU B 244 15.27 -23.66 7.54
C GLU B 244 16.44 -22.68 7.54
N LEU B 245 17.46 -23.03 6.77
CA LEU B 245 18.65 -22.19 6.65
C LEU B 245 18.93 -21.87 5.16
N HIS B 246 18.74 -20.62 4.79
CA HIS B 246 18.99 -20.20 3.42
C HIS B 246 20.31 -19.46 3.37
N LEU B 247 21.31 -20.09 2.73
CA LEU B 247 22.64 -19.49 2.61
C LEU B 247 23.08 -19.42 1.17
N ASN B 248 22.13 -19.52 0.24
CA ASN B 248 22.44 -19.45 -1.18
C ASN B 248 22.96 -18.06 -1.56
N ASN B 249 23.63 -18.01 -2.72
CA ASN B 249 24.20 -16.78 -3.23
C ASN B 249 25.10 -16.02 -2.27
N ASN B 250 26.09 -16.73 -1.74
CA ASN B 250 27.07 -16.14 -0.83
C ASN B 250 28.44 -16.50 -1.41
N LYS B 251 29.44 -16.62 -0.55
CA LYS B 251 30.79 -16.96 -0.99
C LYS B 251 31.39 -18.06 -0.13
N LEU B 252 30.59 -19.07 0.16
CA LEU B 252 31.04 -20.19 0.97
C LEU B 252 32.01 -21.08 0.21
N VAL B 253 33.07 -21.53 0.89
CA VAL B 253 34.05 -22.41 0.26
C VAL B 253 33.73 -23.85 0.67
N LYS B 254 33.08 -24.00 1.83
CA LYS B 254 32.68 -25.30 2.35
C LYS B 254 31.29 -25.21 2.99
N VAL B 255 30.61 -26.34 3.12
CA VAL B 255 29.29 -26.34 3.74
C VAL B 255 29.47 -26.00 5.22
N PRO B 256 28.63 -25.11 5.76
CA PRO B 256 28.78 -24.76 7.18
C PRO B 256 28.81 -25.99 8.09
N GLY B 257 29.60 -25.88 9.17
CA GLY B 257 29.72 -26.99 10.09
C GLY B 257 28.62 -27.11 11.12
N GLY B 258 28.50 -28.31 11.69
CA GLY B 258 27.50 -28.56 12.70
C GLY B 258 26.18 -29.12 12.18
N LEU B 259 26.06 -29.27 10.87
CA LEU B 259 24.83 -29.78 10.31
C LEU B 259 24.53 -31.21 10.73
N ALA B 260 25.57 -32.03 10.79
CA ALA B 260 25.41 -33.44 11.16
C ALA B 260 24.98 -33.66 12.61
N ASP B 261 25.44 -32.81 13.52
CA ASP B 261 25.10 -32.96 14.92
C ASP B 261 23.79 -32.23 15.27
N HIS B 262 23.29 -31.42 14.34
CA HIS B 262 22.05 -30.69 14.54
C HIS B 262 20.89 -31.66 14.38
N LYS B 263 19.84 -31.49 15.20
CA LYS B 263 18.70 -32.40 15.15
C LYS B 263 17.43 -31.87 14.49
N TYR B 264 17.34 -30.55 14.32
CA TYR B 264 16.15 -29.97 13.74
C TYR B 264 16.26 -29.44 12.32
N ILE B 265 17.47 -29.11 11.88
CA ILE B 265 17.65 -28.57 10.53
C ILE B 265 17.03 -29.48 9.47
N GLN B 266 16.21 -28.90 8.60
CA GLN B 266 15.56 -29.67 7.55
C GLN B 266 15.73 -29.11 6.14
N VAL B 267 15.90 -27.80 6.04
CA VAL B 267 16.08 -27.15 4.75
C VAL B 267 17.40 -26.39 4.72
N VAL B 268 18.25 -26.74 3.76
CA VAL B 268 19.54 -26.08 3.63
C VAL B 268 19.83 -25.69 2.19
N TYR B 269 19.69 -24.41 1.89
CA TYR B 269 19.95 -23.93 0.54
C TYR B 269 21.38 -23.38 0.46
N LEU B 270 22.22 -24.08 -0.32
CA LEU B 270 23.61 -23.69 -0.47
C LEU B 270 23.97 -23.38 -1.92
N HIS B 271 22.99 -23.46 -2.81
CA HIS B 271 23.22 -23.19 -4.22
C HIS B 271 23.83 -21.79 -4.47
N ASN B 272 24.54 -21.67 -5.59
CA ASN B 272 25.20 -20.42 -5.98
C ASN B 272 26.24 -19.93 -4.98
N ASN B 273 27.20 -20.79 -4.69
CA ASN B 273 28.29 -20.45 -3.78
C ASN B 273 29.61 -20.90 -4.41
N ASN B 274 30.67 -20.86 -3.62
CA ASN B 274 31.98 -21.23 -4.10
C ASN B 274 32.54 -22.42 -3.31
N ILE B 275 31.71 -23.45 -3.13
CA ILE B 275 32.12 -24.66 -2.40
C ILE B 275 32.71 -25.67 -3.37
N SER B 276 33.95 -26.08 -3.09
CA SER B 276 34.69 -27.01 -3.95
C SER B 276 34.62 -28.50 -3.61
N ALA B 277 34.29 -28.81 -2.36
CA ALA B 277 34.22 -30.21 -1.96
C ALA B 277 33.17 -30.48 -0.88
N ILE B 278 32.72 -31.73 -0.83
CA ILE B 278 31.73 -32.14 0.16
C ILE B 278 32.14 -33.45 0.83
N GLY B 279 32.44 -33.37 2.13
CA GLY B 279 32.81 -34.55 2.89
C GLY B 279 31.61 -35.43 3.21
N SER B 280 31.86 -36.68 3.54
CA SER B 280 30.78 -37.62 3.84
C SER B 280 29.99 -37.30 5.11
N ASN B 281 30.55 -36.46 5.98
CA ASN B 281 29.86 -36.08 7.21
C ASN B 281 29.46 -34.62 7.23
N ASP B 282 29.22 -34.04 6.05
CA ASP B 282 28.82 -32.65 5.97
C ASP B 282 27.37 -32.41 6.38
N PHE B 283 26.49 -33.35 6.03
CA PHE B 283 25.08 -33.25 6.37
C PHE B 283 24.63 -34.34 7.34
N CYS B 284 25.02 -35.57 7.04
CA CYS B 284 24.65 -36.72 7.85
C CYS B 284 25.73 -37.18 8.83
N PRO B 285 25.32 -37.61 10.03
CA PRO B 285 26.25 -38.09 11.06
C PRO B 285 26.74 -39.52 10.75
N PRO B 286 27.77 -40.00 11.48
CA PRO B 286 28.35 -41.32 11.31
C PRO B 286 27.42 -42.45 10.84
N GLY B 287 26.32 -42.69 11.55
CA GLY B 287 25.42 -43.75 11.13
C GLY B 287 24.00 -43.33 10.84
N TYR B 288 23.12 -43.54 11.81
CA TYR B 288 21.71 -43.18 11.70
C TYR B 288 21.21 -42.72 13.05
N ASN B 289 21.18 -41.41 13.26
CA ASN B 289 20.71 -40.87 14.53
C ASN B 289 19.21 -40.66 14.41
N THR B 290 18.44 -41.61 14.94
CA THR B 290 16.98 -41.53 14.87
C THR B 290 16.42 -40.28 15.55
N LYS B 291 17.27 -39.53 16.24
CA LYS B 291 16.85 -38.33 16.93
C LYS B 291 17.03 -37.09 16.03
N LYS B 292 17.68 -37.27 14.87
CA LYS B 292 17.91 -36.17 13.94
C LYS B 292 16.84 -36.09 12.85
N ALA B 293 16.28 -34.89 12.67
CA ALA B 293 15.23 -34.66 11.68
C ALA B 293 15.71 -34.93 10.26
N SER B 294 14.81 -35.49 9.46
CA SER B 294 15.11 -35.80 8.08
C SER B 294 15.13 -34.53 7.24
N TYR B 295 16.10 -34.43 6.34
CA TYR B 295 16.20 -33.26 5.46
C TYR B 295 15.08 -33.39 4.43
N SER B 296 14.52 -32.25 4.02
CA SER B 296 13.46 -32.27 3.02
C SER B 296 13.87 -31.39 1.83
N GLY B 297 15.01 -30.73 1.97
CA GLY B 297 15.49 -29.86 0.90
C GLY B 297 16.92 -29.38 1.07
N VAL B 298 17.78 -29.82 0.15
CA VAL B 298 19.19 -29.44 0.15
C VAL B 298 19.57 -29.01 -1.27
N SER B 299 20.10 -27.80 -1.42
CA SER B 299 20.50 -27.32 -2.74
C SER B 299 22.01 -27.07 -2.78
N LEU B 300 22.66 -27.64 -3.79
CA LEU B 300 24.10 -27.49 -3.96
C LEU B 300 24.49 -27.18 -5.41
N PHE B 301 23.51 -26.93 -6.26
CA PHE B 301 23.77 -26.61 -7.65
C PHE B 301 24.41 -25.22 -7.77
N SER B 302 25.04 -24.95 -8.90
CA SER B 302 25.73 -23.69 -9.15
C SER B 302 26.86 -23.48 -8.17
N ASN B 303 27.61 -24.55 -7.95
CA ASN B 303 28.79 -24.55 -7.08
C ASN B 303 29.94 -25.18 -7.87
N PRO B 304 31.18 -24.94 -7.45
CA PRO B 304 32.30 -25.54 -8.18
C PRO B 304 32.17 -27.08 -8.22
N VAL B 305 31.81 -27.67 -7.08
CA VAL B 305 31.66 -29.13 -6.98
C VAL B 305 30.67 -29.68 -7.99
N GLN B 306 30.98 -30.85 -8.51
CA GLN B 306 30.14 -31.54 -9.49
C GLN B 306 29.47 -32.70 -8.76
N TYR B 307 28.30 -33.11 -9.23
CA TYR B 307 27.57 -34.20 -8.59
C TYR B 307 28.34 -35.52 -8.47
N TRP B 308 29.14 -35.84 -9.48
CA TRP B 308 29.92 -37.07 -9.47
C TRP B 308 31.11 -37.04 -8.52
N GLU B 309 31.39 -35.87 -7.95
CA GLU B 309 32.52 -35.73 -7.03
C GLU B 309 32.09 -35.98 -5.59
N ILE B 310 30.79 -36.07 -5.36
CA ILE B 310 30.27 -36.31 -4.02
C ILE B 310 30.05 -37.81 -3.80
N GLN B 311 30.57 -38.32 -2.69
CA GLN B 311 30.42 -39.73 -2.35
C GLN B 311 28.96 -39.99 -2.01
N PRO B 312 28.34 -41.00 -2.65
CA PRO B 312 26.94 -41.37 -2.44
C PRO B 312 26.48 -41.39 -0.97
N SER B 313 27.27 -42.01 -0.10
CA SER B 313 26.92 -42.10 1.32
C SER B 313 26.78 -40.74 2.01
N THR B 314 27.09 -39.67 1.29
CA THR B 314 27.00 -38.33 1.86
C THR B 314 25.56 -37.95 2.23
N PHE B 315 24.59 -38.52 1.52
CA PHE B 315 23.19 -38.23 1.79
C PHE B 315 22.44 -39.46 2.28
N ARG B 316 23.14 -40.29 3.07
CA ARG B 316 22.54 -41.51 3.60
C ARG B 316 21.29 -41.21 4.43
N CYS B 317 21.30 -40.12 5.17
CA CYS B 317 20.16 -39.75 6.01
C CYS B 317 19.10 -38.92 5.29
N VAL B 318 19.02 -39.08 3.98
CA VAL B 318 18.05 -38.37 3.15
C VAL B 318 17.34 -39.46 2.35
N TYR B 319 16.10 -39.77 2.73
CA TYR B 319 15.35 -40.83 2.07
C TYR B 319 14.39 -40.41 0.96
N VAL B 320 14.21 -39.10 0.80
CA VAL B 320 13.34 -38.59 -0.25
C VAL B 320 14.21 -37.97 -1.35
N ARG B 321 14.99 -38.81 -2.01
CA ARG B 321 15.91 -38.41 -3.08
C ARG B 321 15.67 -37.02 -3.67
N ALA B 322 14.44 -36.74 -4.06
CA ALA B 322 14.07 -35.45 -4.64
C ALA B 322 14.46 -34.24 -3.78
N ALA B 323 14.72 -34.47 -2.49
CA ALA B 323 15.08 -33.40 -1.57
C ALA B 323 16.36 -32.68 -1.98
N VAL B 324 17.33 -33.45 -2.48
CA VAL B 324 18.61 -32.89 -2.89
C VAL B 324 18.58 -32.40 -4.34
N GLN B 325 19.12 -31.20 -4.55
CA GLN B 325 19.19 -30.58 -5.86
C GLN B 325 20.64 -30.20 -6.16
N LEU B 326 21.25 -30.95 -7.08
CA LEU B 326 22.65 -30.74 -7.45
C LEU B 326 22.78 -30.01 -8.80
#